data_3DLT
#
_entry.id   3DLT
#
_cell.length_a   46.848
_cell.length_b   46.848
_cell.length_c   173.954
_cell.angle_alpha   90.000
_cell.angle_beta   90.000
_cell.angle_gamma   120.000
#
_symmetry.space_group_name_H-M   'P 32 2 1'
#
loop_
_entity.id
_entity.type
_entity.pdbx_description
1 polymer 'Esterase D'
2 non-polymer 'butanoic acid'
3 water water
#
_entity_poly.entity_id   1
_entity_poly.type   'polypeptide(L)'
_entity_poly.pdbx_seq_one_letter_code
;GAMGIRNSIFRKPQPFEYEGTDTGVVLLHAYTGSPNDMNFMARALQRSGYGVYVPLFSGHGTVEPLDILTKGNPDIWWAE
SSAAVAHMTAKYAKVFVFGLSLGGIFAMKALETLPGITAGGVFSSPILPGKHHLVPGFLKYAEYMNRLAGKSDESTQILA
YLPGQLAAIDQFATTVAADLNLVKQPTFIGQAGQDELVDGRLAYQLRDALINAARVDFHWYDDAKHVITVNSAHHALEED
VIAFMQQENEG
;
_entity_poly.pdbx_strand_id   A
#
loop_
_chem_comp.id
_chem_comp.type
_chem_comp.name
_chem_comp.formula
BUA non-polymer 'butanoic acid' 'C4 H8 O2'
#
# COMPACT_ATOMS: atom_id res chain seq x y z
N PHE A 10 0.57 -12.62 -20.77
CA PHE A 10 0.65 -11.67 -19.60
C PHE A 10 0.08 -10.27 -19.97
N ARG A 11 -0.92 -9.82 -19.22
CA ARG A 11 -1.44 -8.44 -19.34
C ARG A 11 -0.82 -7.46 -18.34
N LYS A 12 -0.39 -6.31 -18.84
CA LYS A 12 0.12 -5.25 -17.99
C LYS A 12 -1.06 -4.56 -17.27
N PRO A 13 -1.13 -4.66 -15.92
CA PRO A 13 -2.17 -3.91 -15.20
C PRO A 13 -1.94 -2.40 -15.29
N GLN A 14 -2.95 -1.69 -15.75
CA GLN A 14 -2.88 -0.28 -15.92
C GLN A 14 -3.49 0.37 -14.69
N PRO A 15 -3.16 1.64 -14.47
CA PRO A 15 -3.91 2.34 -13.43
C PRO A 15 -5.35 2.48 -13.84
N PHE A 16 -6.26 2.54 -12.87
CA PHE A 16 -7.66 2.64 -13.19
C PHE A 16 -8.38 3.52 -12.21
N GLU A 17 -9.55 4.00 -12.64
CA GLU A 17 -10.35 4.97 -11.89
C GLU A 17 -11.85 4.69 -12.03
N TYR A 18 -12.56 4.80 -10.90
CA TYR A 18 -14.01 4.76 -10.84
C TYR A 18 -14.53 6.15 -10.41
N GLU A 19 -15.55 6.66 -11.10
CA GLU A 19 -16.18 7.94 -10.75
C GLU A 19 -17.09 7.78 -9.56
N GLY A 20 -17.13 8.79 -8.72
CA GLY A 20 -18.07 8.84 -7.60
C GLY A 20 -18.76 10.18 -7.57
N THR A 21 -19.26 10.57 -6.39
CA THR A 21 -19.94 11.87 -6.28
C THR A 21 -19.30 12.70 -5.20
N ASP A 22 -19.50 12.34 -3.93
CA ASP A 22 -18.99 13.18 -2.84
C ASP A 22 -17.56 12.80 -2.37
N THR A 23 -17.27 11.49 -2.37
CA THR A 23 -16.13 10.97 -1.68
C THR A 23 -15.30 10.10 -2.62
N GLY A 24 -14.00 10.33 -2.61
CA GLY A 24 -13.05 9.57 -3.41
C GLY A 24 -12.01 8.87 -2.55
N VAL A 25 -11.42 7.81 -3.08
CA VAL A 25 -10.48 7.01 -2.33
C VAL A 25 -9.31 6.65 -3.22
N VAL A 26 -8.09 6.93 -2.74
CA VAL A 26 -6.84 6.53 -3.36
C VAL A 26 -6.35 5.28 -2.67
N LEU A 27 -6.00 4.26 -3.47
CA LEU A 27 -5.51 2.99 -3.01
C LEU A 27 -4.16 2.80 -3.66
N LEU A 28 -3.12 2.64 -2.82
CA LEU A 28 -1.73 2.50 -3.25
C LEU A 28 -1.20 1.09 -3.02
N HIS A 29 -0.66 0.48 -4.07
CA HIS A 29 -0.52 -0.97 -4.09
C HIS A 29 0.74 -1.46 -3.37
N ALA A 30 0.97 -2.78 -3.43
CA ALA A 30 2.08 -3.41 -2.75
C ALA A 30 3.39 -3.30 -3.56
N TYR A 31 4.51 -3.45 -2.87
CA TYR A 31 5.82 -3.63 -3.49
C TYR A 31 5.82 -4.96 -4.22
N THR A 32 6.24 -4.92 -5.48
CA THR A 32 6.11 -6.05 -6.44
C THR A 32 4.68 -6.35 -6.82
N GLY A 33 3.75 -5.53 -6.32
CA GLY A 33 2.38 -5.65 -6.70
C GLY A 33 2.03 -4.80 -7.90
N SER A 34 0.74 -4.50 -8.02
CA SER A 34 0.20 -3.67 -9.10
C SER A 34 -1.21 -3.22 -8.71
N PRO A 35 -1.89 -2.42 -9.58
CA PRO A 35 -3.31 -2.16 -9.34
C PRO A 35 -4.17 -3.41 -9.13
N ASN A 36 -3.76 -4.57 -9.62
CA ASN A 36 -4.52 -5.80 -9.34
C ASN A 36 -4.72 -6.07 -7.82
N ASP A 37 -3.76 -5.64 -6.98
CA ASP A 37 -3.90 -5.78 -5.52
C ASP A 37 -5.19 -5.20 -4.99
N MET A 38 -5.70 -4.22 -5.71
CA MET A 38 -6.78 -3.37 -5.24
C MET A 38 -8.12 -3.61 -5.96
N ASN A 39 -8.18 -4.63 -6.81
CA ASN A 39 -9.35 -4.85 -7.63
C ASN A 39 -10.61 -5.12 -6.80
N PHE A 40 -10.50 -5.99 -5.80
CA PHE A 40 -11.70 -6.36 -5.01
C PHE A 40 -12.14 -5.17 -4.15
N MET A 41 -11.18 -4.57 -3.48
CA MET A 41 -11.43 -3.38 -2.64
C MET A 41 -11.99 -2.17 -3.41
N ALA A 42 -11.35 -1.77 -4.51
CA ALA A 42 -11.89 -0.76 -5.43
C ALA A 42 -13.35 -1.00 -5.78
N ARG A 43 -13.66 -2.22 -6.22
CA ARG A 43 -15.03 -2.57 -6.57
C ARG A 43 -15.96 -2.52 -5.36
N ALA A 44 -15.48 -2.93 -4.18
CA ALA A 44 -16.33 -2.91 -3.00
C ALA A 44 -16.71 -1.46 -2.70
N LEU A 45 -15.74 -0.57 -2.83
CA LEU A 45 -15.96 0.86 -2.57
C LEU A 45 -16.88 1.44 -3.63
N GLN A 46 -16.73 0.99 -4.88
CA GLN A 46 -17.65 1.44 -5.96
C GLN A 46 -19.09 1.04 -5.67
N ARG A 47 -19.28 -0.20 -5.21
CA ARG A 47 -20.61 -0.68 -4.86
C ARG A 47 -21.20 0.18 -3.73
N SER A 48 -20.37 0.78 -2.89
CA SER A 48 -20.91 1.70 -1.87
C SER A 48 -20.93 3.17 -2.29
N GLY A 49 -20.78 3.44 -3.57
CA GLY A 49 -20.92 4.80 -4.12
C GLY A 49 -19.67 5.66 -4.10
N TYR A 50 -18.53 5.05 -3.84
CA TYR A 50 -17.29 5.80 -3.76
C TYR A 50 -16.54 5.92 -5.08
N GLY A 51 -15.86 7.03 -5.29
CA GLY A 51 -14.90 7.15 -6.37
C GLY A 51 -13.59 6.49 -5.93
N VAL A 52 -12.86 5.92 -6.88
CA VAL A 52 -11.65 5.18 -6.56
C VAL A 52 -10.57 5.46 -7.64
N TYR A 53 -9.33 5.59 -7.21
CA TYR A 53 -8.20 5.70 -8.12
C TYR A 53 -7.01 4.88 -7.61
N VAL A 54 -6.52 4.02 -8.51
CA VAL A 54 -5.53 3.01 -8.21
C VAL A 54 -4.44 3.23 -9.25
N PRO A 55 -3.44 4.03 -8.90
CA PRO A 55 -2.32 4.22 -9.81
C PRO A 55 -1.33 3.08 -9.81
N LEU A 56 -0.42 3.15 -10.77
CA LEU A 56 0.66 2.17 -10.95
C LEU A 56 1.99 2.78 -10.58
N PHE A 57 2.74 2.15 -9.69
CA PHE A 57 4.03 2.69 -9.31
C PHE A 57 5.05 2.35 -10.37
N SER A 58 6.00 3.24 -10.64
CA SER A 58 7.09 2.99 -11.62
C SER A 58 7.83 1.68 -11.37
N GLY A 59 8.23 1.05 -12.48
CA GLY A 59 8.89 -0.25 -12.48
C GLY A 59 8.01 -1.46 -12.30
N HIS A 60 6.78 -1.23 -11.83
CA HIS A 60 5.85 -2.28 -11.56
C HIS A 60 4.93 -2.56 -12.74
N GLY A 61 4.28 -3.72 -12.70
CA GLY A 61 3.28 -4.10 -13.71
C GLY A 61 3.82 -4.60 -15.04
N THR A 62 5.07 -5.05 -15.07
CA THR A 62 5.66 -5.53 -16.32
C THR A 62 6.14 -6.96 -16.14
N VAL A 63 6.43 -7.61 -17.25
CA VAL A 63 6.87 -9.00 -17.22
C VAL A 63 8.29 -9.14 -16.67
N GLU A 64 9.03 -8.04 -16.55
CA GLU A 64 10.42 -8.06 -16.13
C GLU A 64 10.58 -7.52 -14.70
N PRO A 65 10.79 -8.42 -13.72
CA PRO A 65 10.99 -8.03 -12.30
C PRO A 65 12.09 -7.01 -12.06
N LEU A 66 13.15 -7.01 -12.86
CA LEU A 66 14.23 -6.02 -12.67
C LEU A 66 13.79 -4.58 -12.88
N ASP A 67 12.67 -4.36 -13.56
CA ASP A 67 12.18 -3.00 -13.79
C ASP A 67 11.87 -2.31 -12.48
N ILE A 68 11.32 -3.06 -11.53
CA ILE A 68 11.00 -2.55 -10.18
C ILE A 68 12.23 -1.93 -9.54
N LEU A 69 13.35 -2.66 -9.67
CA LEU A 69 14.63 -2.31 -9.06
C LEU A 69 15.38 -1.22 -9.80
N THR A 70 15.20 -1.14 -11.13
CA THR A 70 16.00 -0.19 -11.96
C THR A 70 15.19 1.04 -12.42
N LYS A 71 13.87 0.91 -12.50
CA LYS A 71 13.01 2.00 -12.97
C LYS A 71 12.16 2.65 -11.91
N GLY A 72 12.04 2.06 -10.74
CA GLY A 72 11.36 2.72 -9.64
C GLY A 72 12.23 2.95 -8.42
N ASN A 73 11.83 3.90 -7.59
CA ASN A 73 12.46 4.12 -6.31
C ASN A 73 11.50 4.91 -5.43
N PRO A 74 11.70 4.89 -4.09
CA PRO A 74 10.77 5.53 -3.18
C PRO A 74 10.41 6.99 -3.48
N ASP A 75 11.36 7.75 -4.02
CA ASP A 75 11.11 9.16 -4.26
C ASP A 75 10.17 9.32 -5.44
N ILE A 76 10.32 8.43 -6.42
CA ILE A 76 9.43 8.40 -7.58
C ILE A 76 8.03 7.96 -7.10
N TRP A 77 7.98 6.94 -6.25
CA TRP A 77 6.71 6.37 -5.84
C TRP A 77 5.96 7.33 -4.93
N TRP A 78 6.70 8.07 -4.13
CA TRP A 78 6.09 9.16 -3.35
C TRP A 78 5.53 10.32 -4.22
N ALA A 79 6.27 10.76 -5.22
CA ALA A 79 5.77 11.74 -6.18
C ALA A 79 4.47 11.24 -6.85
N GLU A 80 4.44 9.96 -7.17
CA GLU A 80 3.32 9.39 -7.85
C GLU A 80 2.12 9.28 -6.91
N SER A 81 2.42 8.99 -5.65
CA SER A 81 1.39 8.84 -4.60
C SER A 81 0.80 10.19 -4.33
N SER A 82 1.67 11.16 -4.28
CA SER A 82 1.28 12.51 -4.06
C SER A 82 0.42 13.06 -5.20
N ALA A 83 0.77 12.73 -6.46
CA ALA A 83 0.02 13.19 -7.62
C ALA A 83 -1.37 12.55 -7.67
N ALA A 84 -1.43 11.29 -7.26
CA ALA A 84 -2.67 10.53 -7.21
C ALA A 84 -3.65 11.12 -6.18
N VAL A 85 -3.12 11.57 -5.05
CA VAL A 85 -3.93 12.28 -4.04
C VAL A 85 -4.47 13.60 -4.58
N ALA A 86 -3.60 14.38 -5.24
CA ALA A 86 -4.00 15.64 -5.87
C ALA A 86 -5.07 15.46 -6.96
N HIS A 87 -4.96 14.37 -7.71
CA HIS A 87 -5.97 14.02 -8.72
C HIS A 87 -7.34 13.90 -8.07
N MET A 88 -7.38 13.30 -6.89
CA MET A 88 -8.68 13.04 -6.26
C MET A 88 -9.20 14.21 -5.44
N THR A 89 -8.29 14.96 -4.80
CA THR A 89 -8.72 16.11 -3.99
C THR A 89 -9.13 17.32 -4.88
N ALA A 90 -8.84 17.28 -6.17
CA ALA A 90 -9.41 18.25 -7.14
C ALA A 90 -10.88 18.02 -7.47
N LYS A 91 -11.38 16.81 -7.22
CA LYS A 91 -12.71 16.37 -7.66
C LYS A 91 -13.73 16.14 -6.59
N TYR A 92 -13.31 15.58 -5.45
CA TYR A 92 -14.26 15.09 -4.44
C TYR A 92 -14.19 15.94 -3.21
N ALA A 93 -15.33 16.12 -2.55
CA ALA A 93 -15.40 16.89 -1.32
C ALA A 93 -14.52 16.28 -0.27
N LYS A 94 -14.50 14.95 -0.20
CA LYS A 94 -13.76 14.21 0.82
C LYS A 94 -12.93 13.14 0.12
N VAL A 95 -11.67 13.00 0.55
CA VAL A 95 -10.75 11.96 0.03
C VAL A 95 -10.08 11.15 1.17
N PHE A 96 -10.03 9.83 0.98
CA PHE A 96 -9.41 8.87 1.87
C PHE A 96 -8.23 8.28 1.13
N VAL A 97 -7.20 7.84 1.85
CA VAL A 97 -5.97 7.28 1.25
C VAL A 97 -5.48 6.09 2.03
N PHE A 98 -5.48 4.92 1.39
CA PHE A 98 -5.00 3.69 1.99
C PHE A 98 -3.99 3.02 1.10
N GLY A 99 -3.23 2.12 1.69
CA GLY A 99 -2.29 1.33 0.93
C GLY A 99 -1.87 0.09 1.68
N LEU A 100 -1.19 -0.82 0.96
CA LEU A 100 -0.66 -2.05 1.52
C LEU A 100 0.64 -1.68 2.24
N SER A 101 1.69 -2.50 2.28
CA SER A 101 2.82 -2.11 3.09
C SER A 101 3.52 -0.92 2.49
N LEU A 102 4.03 -1.08 1.25
CA LEU A 102 4.66 0.02 0.51
C LEU A 102 3.72 1.19 0.35
N GLY A 103 2.62 0.94 -0.36
CA GLY A 103 1.62 1.96 -0.56
C GLY A 103 1.28 2.61 0.76
N GLY A 104 1.26 1.87 1.86
CA GLY A 104 0.83 2.43 3.16
C GLY A 104 1.81 3.42 3.79
N ILE A 105 3.09 3.29 3.46
CA ILE A 105 4.10 4.25 3.89
C ILE A 105 3.73 5.59 3.29
N PHE A 106 3.47 5.60 1.99
CA PHE A 106 3.11 6.85 1.29
C PHE A 106 1.72 7.34 1.73
N ALA A 107 0.75 6.45 1.96
CA ALA A 107 -0.53 6.90 2.54
C ALA A 107 -0.36 7.65 3.89
N MET A 108 0.45 7.10 4.78
CA MET A 108 0.67 7.75 6.06
C MET A 108 1.48 9.03 5.88
N LYS A 109 2.45 9.05 4.97
CA LYS A 109 3.17 10.31 4.71
C LYS A 109 2.22 11.34 4.13
N ALA A 110 1.20 10.88 3.39
CA ALA A 110 0.19 11.76 2.87
C ALA A 110 -0.60 12.38 4.03
N LEU A 111 -1.02 11.56 4.98
CA LEU A 111 -1.77 12.09 6.12
C LEU A 111 -0.94 13.07 6.90
N GLU A 112 0.35 12.78 7.05
CA GLU A 112 1.27 13.66 7.79
C GLU A 112 1.55 15.00 7.12
N THR A 113 1.73 14.97 5.80
CA THR A 113 2.36 16.05 5.07
C THR A 113 1.54 16.71 3.96
N LEU A 114 0.45 16.07 3.51
CA LEU A 114 -0.31 16.59 2.37
C LEU A 114 -1.66 17.19 2.80
N PRO A 115 -2.07 18.27 2.12
CA PRO A 115 -3.32 18.95 2.45
C PRO A 115 -4.58 18.20 1.95
N GLY A 116 -5.70 18.36 2.67
CA GLY A 116 -7.02 18.00 2.13
C GLY A 116 -7.50 16.57 2.26
N ILE A 117 -6.83 15.77 3.07
CA ILE A 117 -7.18 14.38 3.21
C ILE A 117 -7.98 14.20 4.48
N THR A 118 -9.11 13.51 4.40
CA THR A 118 -10.04 13.37 5.53
C THR A 118 -9.56 12.28 6.48
N ALA A 119 -9.16 11.15 5.90
CA ALA A 119 -8.67 10.06 6.71
C ALA A 119 -7.95 9.08 5.77
N GLY A 120 -7.37 8.04 6.36
CA GLY A 120 -6.56 7.09 5.62
C GLY A 120 -6.03 5.99 6.51
N GLY A 121 -5.09 5.21 6.00
CA GLY A 121 -4.46 4.21 6.85
C GLY A 121 -3.81 3.16 5.98
N VAL A 122 -3.65 1.98 6.57
CA VAL A 122 -2.78 0.96 5.98
C VAL A 122 -3.51 -0.38 6.10
N PHE A 123 -3.25 -1.26 5.13
CA PHE A 123 -3.74 -2.62 5.13
C PHE A 123 -2.63 -3.60 5.48
N SER A 124 -1.44 -3.09 5.70
CA SER A 124 -0.38 -3.89 6.28
C SER A 124 0.72 -3.00 6.82
N SER A 125 1.53 -3.60 7.69
CA SER A 125 2.56 -2.90 8.42
C SER A 125 3.62 -2.36 7.49
N PRO A 126 4.31 -1.30 7.95
CA PRO A 126 5.34 -0.71 7.12
C PRO A 126 6.56 -1.61 6.93
N ILE A 127 7.39 -1.23 5.96
CA ILE A 127 8.68 -1.86 5.68
C ILE A 127 9.73 -1.03 6.41
N LEU A 128 10.27 -1.58 7.51
CA LEU A 128 11.21 -0.86 8.37
C LEU A 128 12.44 -1.70 8.60
N PRO A 129 13.56 -1.08 8.97
CA PRO A 129 14.82 -1.85 9.10
C PRO A 129 14.69 -3.06 10.03
N GLY A 130 15.04 -4.24 9.53
CA GLY A 130 15.19 -5.43 10.34
C GLY A 130 13.87 -6.10 10.67
N LYS A 131 12.79 -5.60 10.05
CA LYS A 131 11.43 -6.00 10.40
C LYS A 131 10.70 -6.67 9.25
N HIS A 132 11.46 -7.19 8.29
CA HIS A 132 10.84 -7.84 7.14
C HIS A 132 11.66 -8.97 6.54
N HIS A 133 10.95 -9.87 5.86
CA HIS A 133 11.55 -10.97 5.10
C HIS A 133 11.03 -10.90 3.69
N LEU A 134 11.52 -9.91 2.97
CA LEU A 134 11.06 -9.62 1.62
C LEU A 134 11.91 -10.24 0.56
N VAL A 135 13.18 -10.47 0.87
CA VAL A 135 14.13 -10.96 -0.12
C VAL A 135 13.69 -12.31 -0.66
N PRO A 136 13.46 -13.29 0.22
CA PRO A 136 12.83 -14.54 -0.26
C PRO A 136 11.55 -14.37 -1.13
N GLY A 137 10.59 -13.59 -0.63
CA GLY A 137 9.39 -13.25 -1.40
C GLY A 137 9.71 -12.61 -2.75
N PHE A 138 10.52 -11.56 -2.76
CA PHE A 138 10.90 -10.92 -4.02
C PHE A 138 11.44 -11.95 -4.99
N LEU A 139 12.43 -12.75 -4.56
CA LEU A 139 13.03 -13.75 -5.46
C LEU A 139 11.98 -14.74 -5.96
N LYS A 140 11.03 -15.12 -5.10
CA LYS A 140 9.96 -16.03 -5.50
C LYS A 140 8.99 -15.39 -6.47
N TYR A 141 8.71 -14.11 -6.28
CA TYR A 141 7.86 -13.37 -7.22
C TYR A 141 8.52 -13.36 -8.61
N ALA A 142 9.82 -13.09 -8.62
CA ALA A 142 10.58 -12.96 -9.86
C ALA A 142 10.63 -14.28 -10.61
N GLU A 143 10.79 -15.38 -9.86
CA GLU A 143 10.89 -16.72 -10.46
C GLU A 143 9.60 -17.11 -11.17
N TYR A 144 8.48 -16.82 -10.52
CA TYR A 144 7.16 -17.00 -11.12
C TYR A 144 7.02 -16.17 -12.38
N MET A 145 7.29 -14.88 -12.29
CA MET A 145 7.23 -14.01 -13.45
C MET A 145 8.14 -14.56 -14.56
N ASN A 146 9.39 -14.88 -14.20
CA ASN A 146 10.35 -15.40 -15.16
C ASN A 146 10.01 -16.79 -15.72
N ARG A 147 9.26 -17.60 -14.97
CA ARG A 147 8.79 -18.87 -15.53
C ARG A 147 7.69 -18.56 -16.54
N LEU A 148 6.55 -18.07 -16.03
CA LEU A 148 5.51 -17.43 -16.83
C LEU A 148 6.03 -16.85 -18.15
N ALA A 149 7.07 -16.02 -18.06
CA ALA A 149 7.60 -15.31 -19.22
C ALA A 149 8.28 -16.24 -20.23
N GLY A 150 8.83 -17.34 -19.75
CA GLY A 150 9.69 -18.19 -20.57
C GLY A 150 11.11 -17.69 -20.50
N LYS A 151 11.51 -17.24 -19.31
CA LYS A 151 12.80 -16.56 -19.10
C LYS A 151 13.62 -17.23 -18.01
N SER A 152 14.93 -17.01 -18.07
CA SER A 152 15.85 -17.62 -17.13
C SER A 152 15.96 -16.82 -15.82
N ASP A 153 16.34 -17.52 -14.75
CA ASP A 153 16.63 -16.95 -13.43
C ASP A 153 17.40 -15.64 -13.50
N GLU A 154 16.95 -14.64 -12.73
CA GLU A 154 17.65 -13.36 -12.59
C GLU A 154 18.14 -13.12 -11.17
N SER A 155 18.12 -14.17 -10.35
CA SER A 155 18.44 -14.03 -8.92
C SER A 155 19.70 -13.23 -8.67
N THR A 156 20.72 -13.45 -9.49
CA THR A 156 22.03 -12.80 -9.31
C THR A 156 21.93 -11.31 -9.50
N GLN A 157 21.27 -10.89 -10.56
CA GLN A 157 21.16 -9.46 -10.86
C GLN A 157 20.24 -8.83 -9.82
N ILE A 158 19.18 -9.55 -9.48
CA ILE A 158 18.26 -9.11 -8.44
C ILE A 158 19.05 -8.81 -7.16
N LEU A 159 19.84 -9.76 -6.71
CA LEU A 159 20.59 -9.61 -5.45
C LEU A 159 21.53 -8.42 -5.44
N ALA A 160 22.01 -8.01 -6.60
CA ALA A 160 22.90 -6.84 -6.68
C ALA A 160 22.14 -5.54 -6.47
N TYR A 161 20.80 -5.58 -6.59
CA TYR A 161 20.00 -4.37 -6.45
C TYR A 161 19.05 -4.39 -5.25
N LEU A 162 18.42 -5.54 -5.00
CA LEU A 162 17.37 -5.63 -3.99
C LEU A 162 17.78 -5.04 -2.62
N PRO A 163 18.93 -5.47 -2.06
CA PRO A 163 19.32 -4.91 -0.76
C PRO A 163 19.47 -3.38 -0.76
N GLY A 164 19.92 -2.83 -1.88
CA GLY A 164 20.03 -1.39 -1.99
C GLY A 164 18.66 -0.73 -1.97
N GLN A 165 17.67 -1.36 -2.56
CA GLN A 165 16.36 -0.74 -2.70
C GLN A 165 15.59 -0.93 -1.40
N LEU A 166 15.76 -2.08 -0.77
CA LEU A 166 15.09 -2.35 0.50
C LEU A 166 15.56 -1.37 1.53
N ALA A 167 16.83 -1.00 1.46
CA ALA A 167 17.39 -0.01 2.36
C ALA A 167 16.84 1.37 2.05
N ALA A 168 16.63 1.65 0.76
CA ALA A 168 16.02 2.93 0.33
C ALA A 168 14.63 3.04 0.90
N ILE A 169 13.86 1.96 0.81
CA ILE A 169 12.50 1.95 1.35
C ILE A 169 12.50 2.08 2.87
N ASP A 170 13.39 1.32 3.53
CA ASP A 170 13.49 1.38 5.00
C ASP A 170 13.74 2.81 5.40
N GLN A 171 14.69 3.44 4.73
CA GLN A 171 15.08 4.81 5.05
C GLN A 171 13.92 5.79 4.89
N PHE A 172 13.19 5.67 3.77
CA PHE A 172 12.03 6.50 3.51
C PHE A 172 10.99 6.30 4.62
N ALA A 173 10.78 5.02 4.98
CA ALA A 173 9.80 4.62 5.98
C ALA A 173 10.17 5.17 7.34
N THR A 174 11.45 5.09 7.70
CA THR A 174 11.89 5.56 9.04
C THR A 174 11.60 7.07 9.23
N THR A 175 11.75 7.85 8.16
CA THR A 175 11.41 9.29 8.18
C THR A 175 9.90 9.48 8.37
N VAL A 176 9.11 8.67 7.67
CA VAL A 176 7.65 8.70 7.83
C VAL A 176 7.27 8.29 9.26
N ALA A 177 7.92 7.23 9.78
CA ALA A 177 7.65 6.76 11.15
C ALA A 177 7.93 7.84 12.21
N ALA A 178 9.01 8.59 12.02
CA ALA A 178 9.39 9.66 12.94
C ALA A 178 8.40 10.81 12.98
N ASP A 179 7.64 10.98 11.90
CA ASP A 179 6.66 12.06 11.77
C ASP A 179 5.22 11.62 12.07
N LEU A 180 5.00 10.45 12.67
CA LEU A 180 3.63 9.95 12.90
C LEU A 180 2.90 10.80 13.93
N ASN A 181 3.64 11.52 14.76
CA ASN A 181 3.04 12.52 15.64
C ASN A 181 2.24 13.58 14.88
N LEU A 182 2.64 13.88 13.65
CA LEU A 182 1.95 14.87 12.81
C LEU A 182 0.57 14.45 12.29
N VAL A 183 0.22 13.16 12.37
CA VAL A 183 -1.10 12.69 11.91
C VAL A 183 -2.26 13.05 12.85
N LYS A 184 -3.18 13.88 12.35
CA LYS A 184 -4.37 14.27 13.13
C LYS A 184 -5.63 13.49 12.72
N GLN A 185 -5.63 12.99 11.49
CA GLN A 185 -6.81 12.37 10.87
C GLN A 185 -7.13 11.09 11.58
N PRO A 186 -8.40 10.68 11.54
CA PRO A 186 -8.67 9.30 11.93
C PRO A 186 -7.84 8.36 11.04
N THR A 187 -7.36 7.23 11.59
CA THR A 187 -6.45 6.33 10.87
C THR A 187 -6.84 4.87 11.01
N PHE A 188 -6.85 4.16 9.88
CA PHE A 188 -7.19 2.74 9.82
C PHE A 188 -5.89 1.93 9.77
N ILE A 189 -5.88 0.84 10.53
CA ILE A 189 -4.77 -0.11 10.56
C ILE A 189 -5.34 -1.50 10.37
N GLY A 190 -4.92 -2.18 9.32
CA GLY A 190 -5.32 -3.57 9.06
C GLY A 190 -4.06 -4.40 8.95
N GLN A 191 -4.02 -5.55 9.62
CA GLN A 191 -2.85 -6.42 9.59
C GLN A 191 -3.22 -7.90 9.53
N ALA A 192 -2.59 -8.62 8.60
CA ALA A 192 -2.71 -10.07 8.48
C ALA A 192 -2.07 -10.78 9.67
N GLY A 193 -2.75 -11.80 10.19
CA GLY A 193 -2.27 -12.53 11.33
C GLY A 193 -1.26 -13.62 11.02
N GLN A 194 -1.11 -13.97 9.75
CA GLN A 194 -0.18 -15.05 9.33
C GLN A 194 0.75 -14.50 8.27
N ASP A 195 1.26 -13.31 8.53
CA ASP A 195 2.08 -12.54 7.60
C ASP A 195 3.54 -12.96 7.70
N GLU A 196 4.09 -13.40 6.58
CA GLU A 196 5.46 -13.86 6.54
C GLU A 196 6.39 -12.79 6.00
N LEU A 197 5.82 -11.72 5.44
CA LEU A 197 6.60 -10.74 4.73
C LEU A 197 6.98 -9.61 5.62
N VAL A 198 6.06 -9.12 6.44
CA VAL A 198 6.42 -8.08 7.41
C VAL A 198 6.01 -8.51 8.80
N ASP A 199 6.65 -7.93 9.79
CA ASP A 199 6.44 -8.27 11.18
C ASP A 199 5.16 -7.60 11.66
N GLY A 200 4.10 -8.36 11.81
CA GLY A 200 2.80 -7.78 12.14
C GLY A 200 2.71 -6.99 13.44
N ARG A 201 3.66 -7.21 14.35
CA ARG A 201 3.68 -6.49 15.63
C ARG A 201 3.89 -4.99 15.48
N LEU A 202 4.53 -4.62 14.38
CA LEU A 202 4.63 -3.24 13.91
C LEU A 202 3.29 -2.51 13.89
N ALA A 203 2.20 -3.22 13.60
CA ALA A 203 0.89 -2.58 13.53
C ALA A 203 0.48 -2.03 14.90
N TYR A 204 0.83 -2.78 15.95
CA TYR A 204 0.58 -2.35 17.34
C TYR A 204 1.45 -1.14 17.64
N GLN A 205 2.66 -1.10 17.12
CA GLN A 205 3.52 0.06 17.33
C GLN A 205 3.06 1.30 16.60
N LEU A 206 2.51 1.12 15.40
CA LEU A 206 1.86 2.21 14.62
C LEU A 206 0.68 2.80 15.36
N ARG A 207 -0.22 1.94 15.79
CA ARG A 207 -1.32 2.38 16.64
C ARG A 207 -0.85 3.26 17.76
N ASP A 208 0.21 2.83 18.47
CA ASP A 208 0.67 3.57 19.64
C ASP A 208 1.42 4.83 19.27
N ALA A 209 2.03 4.88 18.09
CA ALA A 209 2.78 6.08 17.66
C ALA A 209 1.86 7.24 17.23
N LEU A 210 0.62 6.92 16.89
CA LEU A 210 -0.33 7.89 16.36
C LEU A 210 -0.97 8.64 17.52
N ILE A 211 -0.13 9.35 18.27
CA ILE A 211 -0.56 9.91 19.54
C ILE A 211 -1.58 11.03 19.36
N ASN A 212 -1.47 11.78 18.26
CA ASN A 212 -2.43 12.88 17.93
C ASN A 212 -3.54 12.56 16.89
N ALA A 213 -3.69 11.29 16.51
CA ALA A 213 -4.74 10.87 15.54
C ALA A 213 -6.10 10.96 16.21
N ALA A 214 -7.08 11.50 15.50
CA ALA A 214 -8.41 11.73 16.11
C ALA A 214 -8.96 10.41 16.65
N ARG A 215 -8.69 9.35 15.90
CA ARG A 215 -8.92 8.00 16.38
C ARG A 215 -8.15 7.00 15.53
N VAL A 216 -8.04 5.78 16.05
CA VAL A 216 -7.35 4.70 15.37
C VAL A 216 -8.31 3.54 15.28
N ASP A 217 -8.57 3.08 14.05
CA ASP A 217 -9.48 1.95 13.84
C ASP A 217 -8.61 0.76 13.50
N PHE A 218 -8.40 -0.14 14.46
CA PHE A 218 -7.40 -1.20 14.34
C PHE A 218 -8.07 -2.57 14.13
N HIS A 219 -7.65 -3.30 13.12
CA HIS A 219 -8.18 -4.63 12.84
C HIS A 219 -7.12 -5.67 12.59
N TRP A 220 -7.39 -6.88 13.05
CA TRP A 220 -6.45 -7.97 12.87
C TRP A 220 -7.18 -9.08 12.16
N TYR A 221 -6.54 -9.68 11.14
CA TYR A 221 -7.15 -10.73 10.34
C TYR A 221 -6.45 -12.08 10.57
N ASP A 222 -7.08 -12.90 11.41
CA ASP A 222 -6.37 -13.84 12.28
C ASP A 222 -5.65 -14.98 11.55
N ASP A 223 -6.27 -15.50 10.50
CA ASP A 223 -5.74 -16.63 9.77
C ASP A 223 -5.31 -16.26 8.36
N ALA A 224 -5.20 -14.96 8.07
CA ALA A 224 -4.89 -14.45 6.73
C ALA A 224 -3.40 -14.21 6.49
N LYS A 225 -2.94 -14.53 5.29
CA LYS A 225 -1.60 -14.19 4.85
C LYS A 225 -1.53 -12.69 4.51
N HIS A 226 -0.37 -12.24 4.06
CA HIS A 226 -0.11 -10.81 3.86
C HIS A 226 -1.15 -9.97 3.06
N VAL A 227 -1.55 -10.42 1.87
CA VAL A 227 -2.27 -9.55 0.92
C VAL A 227 -3.74 -9.64 1.19
N ILE A 228 -4.16 -8.94 2.23
CA ILE A 228 -5.50 -9.10 2.77
C ILE A 228 -6.58 -8.46 1.88
N THR A 229 -6.15 -7.65 0.91
CA THR A 229 -7.05 -7.08 -0.08
C THR A 229 -7.55 -8.09 -1.13
N VAL A 230 -6.86 -9.22 -1.22
CA VAL A 230 -7.02 -10.23 -2.28
C VAL A 230 -7.33 -11.64 -1.72
N ASN A 231 -6.90 -11.94 -0.50
CA ASN A 231 -7.04 -13.29 0.06
C ASN A 231 -8.27 -13.43 0.94
N SER A 232 -8.30 -14.46 1.79
CA SER A 232 -9.53 -14.88 2.50
C SER A 232 -10.14 -13.77 3.33
N ALA A 233 -9.31 -12.84 3.76
CA ALA A 233 -9.73 -11.72 4.63
C ALA A 233 -10.39 -10.56 3.89
N HIS A 234 -10.45 -10.58 2.56
CA HIS A 234 -10.83 -9.38 1.80
C HIS A 234 -12.27 -8.90 2.02
N HIS A 235 -13.20 -9.84 2.19
CA HIS A 235 -14.57 -9.47 2.55
C HIS A 235 -14.63 -8.75 3.89
N ALA A 236 -13.96 -9.27 4.91
CA ALA A 236 -13.96 -8.62 6.21
C ALA A 236 -13.32 -7.27 6.07
N LEU A 237 -12.17 -7.22 5.40
CA LEU A 237 -11.44 -5.96 5.21
C LEU A 237 -12.32 -4.87 4.58
N GLU A 238 -13.08 -5.25 3.57
CA GLU A 238 -13.91 -4.31 2.84
C GLU A 238 -15.02 -3.79 3.73
N GLU A 239 -15.58 -4.68 4.52
CA GLU A 239 -16.62 -4.31 5.46
C GLU A 239 -16.08 -3.30 6.50
N ASP A 240 -14.92 -3.60 7.09
CA ASP A 240 -14.30 -2.76 8.10
C ASP A 240 -13.84 -1.40 7.56
N VAL A 241 -13.30 -1.38 6.34
CA VAL A 241 -12.86 -0.11 5.73
C VAL A 241 -14.04 0.78 5.39
N ILE A 242 -15.11 0.17 4.89
CA ILE A 242 -16.34 0.90 4.54
C ILE A 242 -16.94 1.49 5.85
N ALA A 243 -17.04 0.67 6.89
CA ALA A 243 -17.55 1.13 8.19
C ALA A 243 -16.72 2.29 8.73
N PHE A 244 -15.40 2.18 8.65
CA PHE A 244 -14.49 3.28 8.99
C PHE A 244 -14.75 4.58 8.21
N MET A 245 -14.90 4.47 6.88
CA MET A 245 -15.19 5.62 6.06
C MET A 245 -16.54 6.25 6.43
N GLN A 246 -17.54 5.41 6.69
CA GLN A 246 -18.86 5.90 7.10
C GLN A 246 -18.81 6.58 8.45
N GLN A 247 -18.00 6.06 9.35
CA GLN A 247 -17.82 6.65 10.67
C GLN A 247 -17.36 8.09 10.55
N GLU A 248 -16.69 8.42 9.45
CA GLU A 248 -16.34 9.80 9.18
C GLU A 248 -17.22 10.23 8.02
C1 BUA B . 5.68 -6.46 1.95
C2 BUA B . 5.69 -6.08 0.50
C3 BUA B . 4.29 -6.12 -0.12
C4 BUA B . 3.54 -4.85 0.24
O1 BUA B . 4.02 -3.77 -0.10
O2 BUA B . 2.46 -4.93 0.87
C1 BUA C . 17.73 -7.13 4.42
C2 BUA C . 16.89 -8.34 4.08
C3 BUA C . 15.58 -8.31 4.85
C4 BUA C . 14.47 -8.88 4.00
O1 BUA C . 14.57 -10.05 3.61
O2 BUA C . 13.49 -8.15 3.72
#